data_5HVS
#
_entry.id   5HVS
#
_cell.length_a   68.531
_cell.length_b   69.744
_cell.length_c   133.793
_cell.angle_alpha   90.000
_cell.angle_beta   90.000
_cell.angle_gamma   90.000
#
_symmetry.space_group_name_H-M   'I 2 2 2'
#
loop_
_entity.id
_entity.type
_entity.pdbx_description
1 polymer 'Macrophage migration inhibitory factor'
2 non-polymer 'SULFATE ION'
3 non-polymer '3-({2-[1-(3-fluoro-4-hydroxyphenyl)-1H-1,2,3-triazol-4-yl]quinolin-5-yl}oxy)benzoic acid'
4 non-polymer GLYCEROL
5 water water
#
_entity_poly.entity_id   1
_entity_poly.type   'polypeptide(L)'
_entity_poly.pdbx_seq_one_letter_code
;PMFIVNTNVPRASVPDGFLSELTQQLAQATGKPPQYIAVHVVPDQLMAFGGSSEPCALCSLHSIGKIGGAQNRSYSKLLC
GLLAERLRISPDRVYINYYDMNAANVGWNNSTFA
;
_entity_poly.pdbx_strand_id   A,B,C
#
# COMPACT_ATOMS: atom_id res chain seq x y z
N PRO A 1 -4.79 -6.49 13.43
CA PRO A 1 -3.97 -5.49 12.77
C PRO A 1 -3.29 -6.00 11.50
N MET A 2 -2.87 -5.08 10.65
CA MET A 2 -2.15 -5.43 9.42
C MET A 2 -0.89 -4.61 9.41
N PHE A 3 0.25 -5.28 9.25
CA PHE A 3 1.52 -4.59 9.18
C PHE A 3 2.24 -4.96 7.88
N ILE A 4 2.68 -3.94 7.15
CA ILE A 4 3.37 -4.13 5.88
C ILE A 4 4.71 -3.39 5.94
N VAL A 5 5.77 -4.07 5.51
CA VAL A 5 7.08 -3.45 5.32
C VAL A 5 7.58 -3.71 3.90
N ASN A 6 7.83 -2.63 3.16
CA ASN A 6 8.49 -2.67 1.87
C ASN A 6 9.92 -2.17 2.03
N THR A 7 10.88 -2.87 1.44
CA THR A 7 12.28 -2.53 1.61
C THR A 7 13.13 -2.91 0.39
N ASN A 8 14.22 -2.18 0.20
CA ASN A 8 15.22 -2.51 -0.84
C ASN A 8 16.22 -3.55 -0.43
N VAL A 9 16.18 -3.96 0.83
N VAL A 9 16.22 -3.96 0.84
CA VAL A 9 17.01 -5.03 1.32
CA VAL A 9 17.13 -5.01 1.29
C VAL A 9 16.64 -6.31 0.55
C VAL A 9 16.68 -6.32 0.63
N PRO A 10 17.64 -7.14 0.19
CA PRO A 10 17.26 -8.37 -0.52
C PRO A 10 16.52 -9.38 0.35
N ARG A 11 15.70 -10.23 -0.28
CA ARG A 11 15.03 -11.33 0.41
C ARG A 11 15.99 -12.14 1.27
N ALA A 12 17.21 -12.33 0.81
CA ALA A 12 18.22 -13.11 1.54
C ALA A 12 18.50 -12.60 2.96
N SER A 13 18.32 -11.30 3.18
CA SER A 13 18.56 -10.69 4.50
C SER A 13 17.38 -10.79 5.46
N VAL A 14 16.23 -11.24 4.98
CA VAL A 14 15.06 -11.42 5.82
C VAL A 14 15.20 -12.78 6.51
N PRO A 15 15.36 -12.78 7.84
CA PRO A 15 15.58 -14.10 8.44
C PRO A 15 14.34 -14.99 8.49
N ASP A 16 14.60 -16.30 8.55
CA ASP A 16 13.61 -17.28 8.93
C ASP A 16 13.07 -16.79 10.27
N GLY A 17 11.76 -16.72 10.35
CA GLY A 17 11.12 -16.38 11.60
C GLY A 17 10.77 -14.91 11.69
N PHE A 18 11.15 -14.12 10.69
CA PHE A 18 10.88 -12.68 10.78
C PHE A 18 9.38 -12.38 10.83
N LEU A 19 8.59 -13.07 10.02
CA LEU A 19 7.15 -12.80 10.03
C LEU A 19 6.53 -13.11 11.40
N SER A 20 6.96 -14.23 12.01
CA SER A 20 6.54 -14.58 13.36
C SER A 20 7.00 -13.55 14.40
N GLU A 21 8.21 -13.04 14.26
CA GLU A 21 8.74 -12.04 15.18
C GLU A 21 7.90 -10.76 15.11
N LEU A 22 7.64 -10.28 13.90
CA LEU A 22 6.74 -9.13 13.71
C LEU A 22 5.37 -9.39 14.31
N THR A 23 4.78 -10.55 14.03
CA THR A 23 3.47 -10.93 14.54
C THR A 23 3.45 -10.82 16.07
N GLN A 24 4.46 -11.50 16.65
N GLN A 24 4.34 -11.52 16.77
CA GLN A 24 4.69 -11.62 18.10
CA GLN A 24 4.20 -11.57 18.24
C GLN A 24 4.77 -10.25 18.75
C GLN A 24 4.67 -10.28 18.92
N GLN A 25 5.80 -9.50 18.36
N GLN A 25 5.62 -9.58 18.33
CA GLN A 25 6.04 -8.19 18.94
CA GLN A 25 6.02 -8.29 18.90
C GLN A 25 4.83 -7.26 18.78
C GLN A 25 4.89 -7.25 18.75
N LEU A 26 4.18 -7.29 17.62
CA LEU A 26 3.01 -6.42 17.41
C LEU A 26 1.85 -6.83 18.32
N ALA A 27 1.69 -8.14 18.54
CA ALA A 27 0.61 -8.63 19.40
C ALA A 27 0.74 -8.04 20.79
N GLN A 28 1.93 -8.09 21.33
CA GLN A 28 2.11 -7.56 22.66
C GLN A 28 2.08 -6.04 22.73
N ALA A 29 2.71 -5.38 21.76
CA ALA A 29 2.73 -3.91 21.75
C ALA A 29 1.32 -3.34 21.66
N THR A 30 0.48 -3.94 20.80
CA THR A 30 -0.90 -3.49 20.62
C THR A 30 -1.88 -4.11 21.62
N GLY A 31 -1.53 -5.25 22.23
CA GLY A 31 -2.47 -5.97 23.06
C GLY A 31 -3.61 -6.65 22.30
N LYS A 32 -3.39 -6.84 21.00
CA LYS A 32 -4.33 -7.52 20.13
C LYS A 32 -3.95 -9.00 20.04
N PRO A 33 -4.94 -9.87 19.83
CA PRO A 33 -4.61 -11.30 19.81
C PRO A 33 -3.79 -11.63 18.56
N PRO A 34 -2.71 -12.42 18.73
CA PRO A 34 -1.82 -12.69 17.61
C PRO A 34 -2.46 -13.38 16.41
N GLN A 35 -3.49 -14.19 16.65
CA GLN A 35 -4.18 -14.88 15.56
C GLN A 35 -4.91 -13.91 14.60
N TYR A 36 -5.06 -12.65 15.01
CA TYR A 36 -5.66 -11.59 14.19
C TYR A 36 -4.64 -10.61 13.60
N ILE A 37 -3.37 -10.88 13.78
CA ILE A 37 -2.33 -9.97 13.26
C ILE A 37 -1.83 -10.52 11.94
N ALA A 38 -1.97 -9.73 10.87
CA ALA A 38 -1.41 -10.09 9.57
C ALA A 38 -0.14 -9.26 9.31
N VAL A 39 0.88 -9.92 8.74
CA VAL A 39 2.15 -9.28 8.44
CA VAL A 39 2.17 -9.31 8.47
C VAL A 39 2.63 -9.63 7.05
N HIS A 40 3.27 -8.65 6.41
CA HIS A 40 3.61 -8.75 5.00
C HIS A 40 4.96 -8.06 4.83
N VAL A 41 5.95 -8.78 4.31
N VAL A 41 5.95 -8.77 4.28
CA VAL A 41 7.27 -8.22 4.04
CA VAL A 41 7.28 -8.23 4.06
C VAL A 41 7.51 -8.25 2.54
C VAL A 41 7.63 -8.29 2.57
N VAL A 42 8.00 -7.16 1.99
CA VAL A 42 8.24 -7.08 0.55
C VAL A 42 9.65 -6.58 0.30
N PRO A 43 10.61 -7.51 0.08
CA PRO A 43 12.00 -7.13 -0.11
C PRO A 43 12.32 -6.88 -1.59
N ASP A 44 13.58 -6.60 -1.85
CA ASP A 44 14.10 -6.44 -3.20
C ASP A 44 13.44 -5.29 -3.95
N GLN A 45 12.97 -4.28 -3.22
CA GLN A 45 12.25 -3.19 -3.86
C GLN A 45 13.15 -2.10 -4.43
N LEU A 46 12.64 -1.47 -5.50
N LEU A 46 12.65 -1.47 -5.50
CA LEU A 46 13.26 -0.30 -6.11
CA LEU A 46 13.30 -0.32 -6.08
C LEU A 46 12.80 0.93 -5.36
C LEU A 46 12.80 0.91 -5.35
N MET A 47 13.59 1.38 -4.39
CA MET A 47 13.20 2.53 -3.58
C MET A 47 14.40 3.31 -3.13
N ALA A 48 14.14 4.55 -2.75
CA ALA A 48 15.17 5.47 -2.25
C ALA A 48 14.62 6.29 -1.11
N PHE A 49 15.50 6.71 -0.23
CA PHE A 49 15.14 7.57 0.89
C PHE A 49 16.13 8.72 0.85
N GLY A 50 15.64 9.94 0.69
CA GLY A 50 16.52 11.09 0.58
C GLY A 50 17.43 11.02 -0.64
N GLY A 51 16.95 10.34 -1.67
CA GLY A 51 17.66 10.21 -2.94
C GLY A 51 18.83 9.24 -2.87
N SER A 52 18.91 8.45 -1.78
CA SER A 52 19.98 7.46 -1.57
C SER A 52 19.40 6.06 -1.64
N SER A 53 20.17 5.14 -2.21
CA SER A 53 19.73 3.75 -2.35
C SER A 53 20.24 2.86 -1.24
N GLU A 54 20.81 3.45 -0.19
CA GLU A 54 21.14 2.65 1.00
C GLU A 54 19.87 2.01 1.60
N PRO A 55 20.03 0.93 2.38
CA PRO A 55 18.87 0.26 2.93
C PRO A 55 17.87 1.21 3.59
N CYS A 56 16.59 1.00 3.29
CA CYS A 56 15.51 1.79 3.82
C CYS A 56 14.23 0.94 3.84
N ALA A 57 13.20 1.44 4.49
CA ALA A 57 11.92 0.74 4.57
C ALA A 57 10.76 1.71 4.65
N LEU A 58 9.69 1.33 3.97
CA LEU A 58 8.45 2.05 3.98
C LEU A 58 7.35 1.11 4.47
N CYS A 59 6.71 1.50 5.57
CA CYS A 59 5.82 0.59 6.27
C CYS A 59 4.48 1.20 6.55
N SER A 60 3.53 0.31 6.87
N SER A 60 3.52 0.33 6.86
CA SER A 60 2.18 0.69 7.32
CA SER A 60 2.21 0.76 7.37
C SER A 60 1.74 -0.19 8.48
C SER A 60 1.69 -0.18 8.44
N LEU A 61 0.98 0.39 9.42
CA LEU A 61 0.30 -0.39 10.45
C LEU A 61 -1.14 0.11 10.48
N HIS A 62 -2.08 -0.80 10.22
CA HIS A 62 -3.51 -0.50 10.35
C HIS A 62 -4.04 -1.23 11.56
N SER A 63 -4.84 -0.55 12.36
CA SER A 63 -5.47 -1.19 13.53
C SER A 63 -6.81 -0.50 13.86
N ILE A 64 -7.76 -1.27 14.40
CA ILE A 64 -8.98 -0.71 14.98
C ILE A 64 -8.64 -0.35 16.42
N GLY A 65 -8.41 0.94 16.62
CA GLY A 65 -7.90 1.44 17.91
C GLY A 65 -6.47 1.04 18.18
N LYS A 66 -6.03 1.29 19.41
CA LYS A 66 -4.62 1.09 19.81
C LYS A 66 -3.66 1.91 18.93
N ILE A 67 -4.16 3.04 18.42
CA ILE A 67 -3.39 3.97 17.60
C ILE A 67 -3.48 5.35 18.24
N GLY A 68 -2.33 5.99 18.48
CA GLY A 68 -2.31 7.29 19.16
C GLY A 68 -0.90 7.79 19.34
N GLY A 69 -0.78 9.00 19.89
CA GLY A 69 0.51 9.68 20.02
C GLY A 69 1.57 8.84 20.69
N ALA A 70 1.31 8.46 21.94
CA ALA A 70 2.27 7.66 22.70
C ALA A 70 2.42 6.25 22.14
N GLN A 71 1.30 5.62 21.82
CA GLN A 71 1.35 4.26 21.27
C GLN A 71 2.20 4.20 19.99
N ASN A 72 1.99 5.16 19.08
CA ASN A 72 2.72 5.15 17.80
C ASN A 72 4.21 5.37 18.02
N ARG A 73 4.58 6.21 18.98
CA ARG A 73 5.99 6.36 19.34
C ARG A 73 6.59 5.02 19.81
N SER A 74 5.80 4.27 20.56
N SER A 74 5.84 4.27 20.62
CA SER A 74 6.26 2.95 21.05
CA SER A 74 6.31 2.96 21.13
C SER A 74 6.43 1.96 19.89
C SER A 74 6.38 1.92 19.98
N TYR A 75 5.43 1.94 19.05
CA TYR A 75 5.49 1.08 17.85
C TYR A 75 6.67 1.45 16.97
N SER A 76 6.97 2.75 16.85
CA SER A 76 8.05 3.16 15.96
C SER A 76 9.39 2.72 16.54
N LYS A 77 9.53 2.81 17.86
CA LYS A 77 10.75 2.34 18.50
C LYS A 77 10.92 0.81 18.34
N LEU A 78 9.83 0.09 18.54
CA LEU A 78 9.80 -1.34 18.41
C LEU A 78 10.16 -1.82 17.01
N LEU A 79 9.51 -1.19 16.01
CA LEU A 79 9.66 -1.59 14.62
C LEU A 79 10.99 -1.14 14.08
N CYS A 80 11.38 0.12 14.36
CA CYS A 80 12.73 0.52 13.96
C CYS A 80 13.79 -0.40 14.59
N GLY A 81 13.59 -0.82 15.84
CA GLY A 81 14.53 -1.70 16.52
C GLY A 81 14.69 -3.02 15.80
N LEU A 82 13.56 -3.61 15.41
CA LEU A 82 13.56 -4.89 14.71
C LEU A 82 14.16 -4.78 13.33
N LEU A 83 13.80 -3.71 12.60
CA LEU A 83 14.34 -3.51 11.26
C LEU A 83 15.85 -3.30 11.29
N ALA A 84 16.35 -2.64 12.32
CA ALA A 84 17.80 -2.42 12.44
C ALA A 84 18.50 -3.72 12.81
N GLU A 85 17.97 -4.44 13.78
CA GLU A 85 18.56 -5.70 14.21
C GLU A 85 18.54 -6.76 13.11
N ARG A 86 17.39 -7.00 12.51
CA ARG A 86 17.24 -8.11 11.56
C ARG A 86 17.62 -7.77 10.14
N LEU A 87 17.31 -6.56 9.68
CA LEU A 87 17.55 -6.20 8.29
C LEU A 87 18.68 -5.20 8.07
N ARG A 88 19.26 -4.70 9.16
CA ARG A 88 20.36 -3.73 9.11
C ARG A 88 19.95 -2.44 8.45
N ILE A 89 18.69 -2.06 8.66
CA ILE A 89 18.18 -0.78 8.17
C ILE A 89 18.26 0.26 9.27
N SER A 90 18.87 1.41 8.95
CA SER A 90 19.01 2.48 9.92
C SER A 90 17.64 3.07 10.24
N PRO A 91 17.34 3.29 11.53
CA PRO A 91 16.04 3.85 11.90
C PRO A 91 15.68 5.17 11.24
N ASP A 92 16.68 5.97 10.88
CA ASP A 92 16.41 7.26 10.24
C ASP A 92 16.18 7.14 8.73
N ARG A 93 16.10 5.90 8.24
CA ARG A 93 15.68 5.59 6.87
C ARG A 93 14.44 4.68 6.84
N VAL A 94 13.63 4.75 7.90
CA VAL A 94 12.39 4.02 7.99
C VAL A 94 11.23 5.00 8.13
N TYR A 95 10.20 4.83 7.32
CA TYR A 95 8.95 5.55 7.51
C TYR A 95 7.85 4.55 7.79
N ILE A 96 6.97 4.90 8.74
CA ILE A 96 5.78 4.08 9.04
C ILE A 96 4.52 4.93 9.05
N ASN A 97 3.53 4.59 8.23
CA ASN A 97 2.22 5.22 8.26
C ASN A 97 1.28 4.46 9.20
N TYR A 98 0.71 5.15 10.18
CA TYR A 98 -0.24 4.54 11.12
C TYR A 98 -1.67 4.92 10.73
N TYR A 99 -2.57 3.96 10.78
CA TYR A 99 -3.98 4.21 10.49
C TYR A 99 -4.84 3.63 11.58
N ASP A 100 -5.62 4.49 12.22
CA ASP A 100 -6.66 4.08 13.15
C ASP A 100 -7.90 3.86 12.30
N MET A 101 -8.23 2.60 12.03
CA MET A 101 -9.34 2.29 11.13
C MET A 101 -10.64 2.12 11.88
N ASN A 102 -11.72 2.63 11.31
CA ASN A 102 -13.05 2.37 11.83
C ASN A 102 -13.37 0.90 11.64
N ALA A 103 -13.99 0.25 12.62
CA ALA A 103 -14.35 -1.17 12.51
C ALA A 103 -15.21 -1.47 11.26
N ALA A 104 -16.04 -0.50 10.85
CA ALA A 104 -16.90 -0.68 9.68
C ALA A 104 -16.12 -0.71 8.37
N ASN A 105 -14.87 -0.22 8.41
CA ASN A 105 -14.00 -0.17 7.23
C ASN A 105 -12.92 -1.27 7.21
N VAL A 106 -13.10 -2.30 8.03
CA VAL A 106 -12.21 -3.45 8.00
C VAL A 106 -13.02 -4.69 7.74
N GLY A 107 -12.81 -5.28 6.57
CA GLY A 107 -13.41 -6.57 6.20
C GLY A 107 -12.61 -7.78 6.62
N TRP A 108 -13.33 -8.81 7.04
CA TRP A 108 -12.73 -10.04 7.53
C TRP A 108 -13.83 -11.10 7.54
N ASN A 109 -13.55 -12.27 6.99
CA ASN A 109 -14.43 -13.44 7.18
C ASN A 109 -15.89 -13.16 6.83
N ASN A 110 -16.08 -12.66 5.61
CA ASN A 110 -17.39 -12.43 4.99
C ASN A 110 -18.17 -11.26 5.52
N SER A 111 -17.57 -10.49 6.43
CA SER A 111 -18.24 -9.37 7.06
C SER A 111 -17.23 -8.30 7.39
N THR A 112 -17.59 -7.40 8.30
CA THR A 112 -16.67 -6.42 8.87
C THR A 112 -16.72 -6.52 10.39
N PHE A 113 -15.82 -5.79 11.05
CA PHE A 113 -15.74 -5.81 12.52
C PHE A 113 -16.76 -4.93 13.24
N ALA A 114 -17.48 -4.07 12.53
CA ALA A 114 -18.47 -3.16 13.15
C ALA A 114 -19.65 -3.89 13.79
N PRO B 1 7.93 13.20 2.91
CA PRO B 1 6.87 12.52 2.17
C PRO B 1 7.23 11.12 1.66
N MET B 2 6.19 10.34 1.35
CA MET B 2 6.34 8.99 0.78
C MET B 2 5.54 8.93 -0.51
N PHE B 3 6.22 8.58 -1.61
CA PHE B 3 5.58 8.42 -2.91
C PHE B 3 5.83 7.03 -3.46
N ILE B 4 4.74 6.36 -3.84
CA ILE B 4 4.81 5.01 -4.38
C ILE B 4 4.09 4.98 -5.71
N VAL B 5 4.68 4.31 -6.69
CA VAL B 5 4.01 4.06 -7.95
C VAL B 5 4.11 2.60 -8.28
N ASN B 6 2.94 1.99 -8.47
CA ASN B 6 2.82 0.60 -8.86
C ASN B 6 2.40 0.57 -10.31
N THR B 7 3.08 -0.24 -11.12
CA THR B 7 2.79 -0.26 -12.56
C THR B 7 3.05 -1.61 -13.21
N ASN B 8 2.34 -1.85 -14.30
CA ASN B 8 2.58 -3.04 -15.14
C ASN B 8 3.67 -2.83 -16.18
N VAL B 9 4.19 -1.61 -16.27
CA VAL B 9 5.38 -1.37 -17.06
C VAL B 9 6.53 -2.24 -16.51
N PRO B 10 7.25 -2.94 -17.40
CA PRO B 10 8.36 -3.78 -16.92
C PRO B 10 9.54 -3.05 -16.31
N ARG B 11 10.26 -3.72 -15.42
CA ARG B 11 11.45 -3.15 -14.81
C ARG B 11 12.42 -2.55 -15.84
N ALA B 12 12.67 -3.27 -16.94
CA ALA B 12 13.66 -2.83 -17.93
C ALA B 12 13.23 -1.51 -18.61
N SER B 13 11.93 -1.26 -18.61
CA SER B 13 11.41 0.00 -19.13
C SER B 13 11.33 1.14 -18.11
N VAL B 14 11.86 0.97 -16.90
CA VAL B 14 11.96 2.09 -15.96
C VAL B 14 13.34 2.71 -16.17
N PRO B 15 13.41 3.93 -16.71
CA PRO B 15 14.72 4.46 -17.10
C PRO B 15 15.60 4.80 -15.91
N ASP B 16 16.91 4.73 -16.10
N ASP B 16 16.91 4.81 -16.17
CA ASP B 16 17.79 5.01 -14.99
CA ASP B 16 17.86 5.17 -15.15
C ASP B 16 17.67 6.52 -14.68
C ASP B 16 17.56 6.58 -14.68
N GLY B 17 17.75 6.83 -13.39
CA GLY B 17 17.55 8.19 -12.86
C GLY B 17 16.12 8.49 -12.44
N PHE B 18 15.19 7.55 -12.64
CA PHE B 18 13.77 7.79 -12.35
C PHE B 18 13.48 8.08 -10.88
N LEU B 19 14.07 7.30 -9.97
CA LEU B 19 13.86 7.53 -8.52
C LEU B 19 14.39 8.89 -8.10
N SER B 20 15.56 9.27 -8.60
CA SER B 20 16.14 10.56 -8.26
CA SER B 20 16.16 10.56 -8.29
C SER B 20 15.30 11.72 -8.83
N GLU B 21 14.81 11.57 -10.05
CA GLU B 21 13.89 12.56 -10.65
C GLU B 21 12.61 12.71 -9.82
N LEU B 22 11.98 11.60 -9.43
CA LEU B 22 10.81 11.68 -8.57
C LEU B 22 11.17 12.36 -7.24
N THR B 23 12.30 12.01 -6.65
CA THR B 23 12.70 12.61 -5.38
C THR B 23 12.74 14.14 -5.50
N GLN B 24 13.45 14.62 -6.50
N GLN B 24 13.44 14.63 -6.51
CA GLN B 24 13.66 16.07 -6.69
CA GLN B 24 13.66 16.06 -6.67
C GLN B 24 12.37 16.77 -7.05
C GLN B 24 12.38 16.78 -7.05
N GLN B 25 11.58 16.18 -7.95
CA GLN B 25 10.31 16.78 -8.35
C GLN B 25 9.34 16.88 -7.17
N LEU B 26 9.26 15.84 -6.34
CA LEU B 26 8.37 15.89 -5.19
C LEU B 26 8.84 16.90 -4.15
N ALA B 27 10.15 17.03 -3.97
CA ALA B 27 10.72 18.02 -3.07
C ALA B 27 10.30 19.42 -3.49
N GLN B 28 10.49 19.76 -4.75
CA GLN B 28 10.13 21.12 -5.20
C GLN B 28 8.61 21.36 -5.20
N ALA B 29 7.83 20.34 -5.57
CA ALA B 29 6.37 20.51 -5.63
C ALA B 29 5.75 20.71 -4.24
N THR B 30 6.20 19.90 -3.29
CA THR B 30 5.71 19.98 -1.90
C THR B 30 6.44 21.02 -1.06
N GLY B 31 7.61 21.45 -1.52
CA GLY B 31 8.44 22.34 -0.72
C GLY B 31 9.12 21.65 0.45
N LYS B 32 9.10 20.33 0.46
CA LYS B 32 9.66 19.56 1.56
C LYS B 32 11.12 19.30 1.25
N PRO B 33 11.93 19.11 2.29
CA PRO B 33 13.36 18.90 2.03
C PRO B 33 13.60 17.56 1.34
N PRO B 34 14.44 17.54 0.28
CA PRO B 34 14.64 16.29 -0.46
C PRO B 34 15.20 15.13 0.38
N GLN B 35 15.99 15.46 1.40
N GLN B 35 15.98 15.44 1.40
CA GLN B 35 16.53 14.48 2.35
CA GLN B 35 16.55 14.39 2.26
C GLN B 35 15.45 13.60 2.98
C GLN B 35 15.49 13.65 3.09
N TYR B 36 14.25 14.14 3.11
CA TYR B 36 13.13 13.46 3.78
C TYR B 36 12.10 12.90 2.80
N ILE B 37 12.39 12.93 1.50
CA ILE B 37 11.47 12.36 0.52
C ILE B 37 11.84 10.89 0.25
N ALA B 38 10.88 9.99 0.40
CA ALA B 38 11.07 8.59 0.04
C ALA B 38 10.22 8.27 -1.18
N VAL B 39 10.81 7.52 -2.13
CA VAL B 39 10.16 7.14 -3.36
CA VAL B 39 10.22 7.16 -3.40
C VAL B 39 10.34 5.65 -3.62
N HIS B 40 9.33 5.06 -4.25
CA HIS B 40 9.25 3.62 -4.41
C HIS B 40 8.54 3.32 -5.73
N VAL B 41 9.21 2.58 -6.61
CA VAL B 41 8.63 2.20 -7.89
C VAL B 41 8.52 0.69 -7.95
N VAL B 42 7.31 0.19 -8.26
CA VAL B 42 7.03 -1.24 -8.29
C VAL B 42 6.60 -1.65 -9.70
N PRO B 43 7.56 -2.07 -10.54
CA PRO B 43 7.25 -2.51 -11.91
C PRO B 43 6.75 -3.96 -12.02
N ASP B 44 6.45 -4.36 -13.25
CA ASP B 44 6.07 -5.73 -13.59
C ASP B 44 4.78 -6.21 -12.94
N GLN B 45 3.92 -5.29 -12.53
CA GLN B 45 2.74 -5.71 -11.76
C GLN B 45 1.62 -6.27 -12.61
N LEU B 46 0.89 -7.20 -12.01
CA LEU B 46 -0.30 -7.76 -12.61
C LEU B 46 -1.46 -6.84 -12.27
N MET B 47 -1.75 -5.90 -13.17
CA MET B 47 -2.87 -4.95 -12.94
C MET B 47 -3.63 -4.62 -14.21
N ALA B 48 -4.82 -4.08 -14.01
CA ALA B 48 -5.72 -3.69 -15.08
C ALA B 48 -6.37 -2.37 -14.68
N PHE B 49 -6.73 -1.56 -15.66
CA PHE B 49 -7.40 -0.31 -15.45
C PHE B 49 -8.55 -0.37 -16.44
N GLY B 50 -9.79 -0.34 -15.94
CA GLY B 50 -10.95 -0.54 -16.81
C GLY B 50 -10.99 -1.92 -17.45
N GLY B 51 -10.35 -2.90 -16.83
CA GLY B 51 -10.32 -4.29 -17.32
C GLY B 51 -9.34 -4.56 -18.45
N SER B 52 -8.57 -3.55 -18.83
CA SER B 52 -7.57 -3.74 -19.87
C SER B 52 -6.17 -3.59 -19.29
N SER B 53 -5.21 -4.25 -19.92
CA SER B 53 -3.85 -4.29 -19.40
C SER B 53 -2.82 -3.48 -20.16
N GLU B 54 -3.27 -2.45 -20.87
CA GLU B 54 -2.35 -1.48 -21.44
C GLU B 54 -1.65 -0.80 -20.26
N PRO B 55 -0.53 -0.08 -20.50
CA PRO B 55 0.18 0.51 -19.39
C PRO B 55 -0.68 1.40 -18.48
N CYS B 56 -0.50 1.23 -17.18
CA CYS B 56 -1.24 1.97 -16.19
C CYS B 56 -0.42 2.12 -14.92
N ALA B 57 -0.89 2.97 -14.02
CA ALA B 57 -0.19 3.16 -12.76
C ALA B 57 -1.16 3.49 -11.64
N LEU B 58 -0.85 2.94 -10.48
CA LEU B 58 -1.63 3.16 -9.26
C LEU B 58 -0.62 3.69 -8.24
N CYS B 59 -0.86 4.91 -7.75
CA CYS B 59 0.13 5.63 -6.95
C CYS B 59 -0.43 6.14 -5.65
N SER B 60 0.47 6.51 -4.74
CA SER B 60 0.04 7.21 -3.54
C SER B 60 1.07 8.22 -3.09
N LEU B 61 0.60 9.33 -2.53
CA LEU B 61 1.46 10.31 -1.91
C LEU B 61 0.97 10.58 -0.50
N HIS B 62 1.85 10.34 0.47
CA HIS B 62 1.62 10.67 1.88
C HIS B 62 2.48 11.84 2.31
N SER B 63 1.90 12.83 2.97
CA SER B 63 2.66 13.97 3.49
C SER B 63 2.01 14.51 4.74
N ILE B 64 2.80 15.08 5.64
CA ILE B 64 2.25 15.88 6.73
C ILE B 64 2.07 17.29 6.19
N GLY B 65 0.84 17.64 5.87
CA GLY B 65 0.59 18.93 5.22
C GLY B 65 0.98 18.89 3.75
N LYS B 66 0.91 20.06 3.12
CA LYS B 66 1.14 20.23 1.69
C LYS B 66 0.19 19.35 0.84
N ILE B 67 -1.00 19.09 1.37
CA ILE B 67 -2.00 18.33 0.67
C ILE B 67 -3.29 19.14 0.69
N GLY B 68 -3.94 19.26 -0.47
CA GLY B 68 -5.16 20.03 -0.53
C GLY B 68 -5.69 20.11 -1.95
N GLY B 69 -6.83 20.77 -2.14
CA GLY B 69 -7.48 20.83 -3.45
C GLY B 69 -6.58 21.26 -4.59
N ALA B 70 -6.01 22.45 -4.48
CA ALA B 70 -5.22 23.02 -5.56
C ALA B 70 -3.87 22.31 -5.67
N GLN B 71 -3.28 22.01 -4.53
CA GLN B 71 -2.00 21.31 -4.53
C GLN B 71 -2.08 19.92 -5.20
N ASN B 72 -3.12 19.17 -4.85
CA ASN B 72 -3.29 17.83 -5.42
C ASN B 72 -3.55 17.87 -6.93
N ARG B 73 -4.26 18.89 -7.40
CA ARG B 73 -4.42 19.10 -8.83
C ARG B 73 -3.08 19.35 -9.48
N SER B 74 -2.25 20.19 -8.85
CA SER B 74 -0.92 20.48 -9.38
C SER B 74 -0.02 19.24 -9.37
N TYR B 75 -0.06 18.50 -8.26
CA TYR B 75 0.72 17.26 -8.16
C TYR B 75 0.31 16.24 -9.21
N SER B 76 -0.98 16.14 -9.46
CA SER B 76 -1.47 15.15 -10.41
C SER B 76 -0.98 15.47 -11.84
N LYS B 77 -1.02 16.74 -12.21
CA LYS B 77 -0.49 17.16 -13.52
C LYS B 77 1.01 16.86 -13.63
N LEU B 78 1.77 17.24 -12.61
CA LEU B 78 3.21 16.97 -12.58
C LEU B 78 3.52 15.48 -12.68
N LEU B 79 2.87 14.69 -11.82
CA LEU B 79 3.17 13.27 -11.77
C LEU B 79 2.66 12.55 -13.02
N CYS B 80 1.47 12.88 -13.51
CA CYS B 80 0.99 12.30 -14.76
C CYS B 80 1.93 12.66 -15.91
N GLY B 81 2.40 13.90 -15.92
CA GLY B 81 3.39 14.31 -16.95
C GLY B 81 4.65 13.46 -16.94
N LEU B 82 5.19 13.21 -15.76
CA LEU B 82 6.41 12.40 -15.62
C LEU B 82 6.18 10.96 -16.01
N LEU B 83 5.07 10.38 -15.54
CA LEU B 83 4.76 8.99 -15.87
C LEU B 83 4.55 8.85 -17.38
N ALA B 84 3.97 9.88 -18.00
CA ALA B 84 3.71 9.81 -19.43
C ALA B 84 5.03 9.84 -20.18
N GLU B 85 5.93 10.74 -19.79
CA GLU B 85 7.18 10.84 -20.54
C GLU B 85 8.08 9.63 -20.30
N ARG B 86 8.28 9.30 -19.03
CA ARG B 86 9.25 8.29 -18.65
C ARG B 86 8.79 6.87 -18.84
N LEU B 87 7.55 6.58 -18.44
CA LEU B 87 7.04 5.21 -18.48
C LEU B 87 6.06 4.98 -19.60
N ARG B 88 5.71 6.05 -20.33
CA ARG B 88 4.84 5.95 -21.50
C ARG B 88 3.47 5.40 -21.11
N ILE B 89 2.94 5.95 -20.02
CA ILE B 89 1.63 5.60 -19.48
C ILE B 89 0.75 6.83 -19.70
N SER B 90 -0.42 6.62 -20.30
N SER B 90 -0.41 6.63 -20.30
CA SER B 90 -1.36 7.72 -20.55
CA SER B 90 -1.33 7.76 -20.56
C SER B 90 -1.92 8.26 -19.23
C SER B 90 -1.91 8.26 -19.24
N PRO B 91 -2.08 9.60 -19.09
CA PRO B 91 -2.63 10.14 -17.85
C PRO B 91 -4.01 9.61 -17.45
N ASP B 92 -4.82 9.16 -18.41
CA ASP B 92 -6.14 8.64 -18.11
C ASP B 92 -6.11 7.19 -17.58
N ARG B 93 -4.89 6.63 -17.41
CA ARG B 93 -4.70 5.30 -16.82
C ARG B 93 -3.79 5.39 -15.59
N VAL B 94 -3.84 6.54 -14.94
CA VAL B 94 -3.10 6.80 -13.71
C VAL B 94 -4.08 7.21 -12.61
N TYR B 95 -4.00 6.57 -11.45
CA TYR B 95 -4.65 7.04 -10.26
C TYR B 95 -3.61 7.36 -9.19
N ILE B 96 -3.85 8.43 -8.44
CA ILE B 96 -3.00 8.79 -7.31
C ILE B 96 -3.86 9.05 -6.08
N ASN B 97 -3.63 8.29 -5.01
CA ASN B 97 -4.26 8.52 -3.72
C ASN B 97 -3.42 9.50 -2.92
N TYR B 98 -4.02 10.61 -2.48
CA TYR B 98 -3.34 11.58 -1.62
C TYR B 98 -3.79 11.42 -0.17
N TYR B 99 -2.82 11.42 0.73
CA TYR B 99 -3.08 11.36 2.17
C TYR B 99 -2.39 12.50 2.93
N ASP B 100 -3.20 13.30 3.62
CA ASP B 100 -2.71 14.30 4.54
C ASP B 100 -2.59 13.64 5.90
N MET B 101 -1.38 13.26 6.28
CA MET B 101 -1.19 12.47 7.50
C MET B 101 -0.94 13.37 8.71
N ASN B 102 -1.54 13.00 9.84
CA ASN B 102 -1.22 13.65 11.10
C ASN B 102 0.22 13.29 11.45
N ALA B 103 0.96 14.26 11.99
CA ALA B 103 2.38 14.01 12.40
C ALA B 103 2.53 12.86 13.37
N ALA B 104 1.53 12.71 14.26
CA ALA B 104 1.50 11.62 15.24
C ALA B 104 1.36 10.24 14.60
N ASN B 105 0.87 10.21 13.36
CA ASN B 105 0.64 8.95 12.62
C ASN B 105 1.71 8.67 11.56
N VAL B 106 2.86 9.34 11.69
CA VAL B 106 4.00 9.06 10.85
C VAL B 106 5.22 8.77 11.71
N GLY B 107 5.63 7.50 11.71
CA GLY B 107 6.83 7.06 12.39
C GLY B 107 8.11 7.26 11.58
N TRP B 108 9.20 7.54 12.29
CA TRP B 108 10.51 7.80 11.70
C TRP B 108 11.54 7.86 12.82
N ASN B 109 12.68 7.23 12.60
CA ASN B 109 13.81 7.31 13.51
C ASN B 109 13.43 7.12 14.98
N ASN B 110 12.82 5.98 15.25
CA ASN B 110 12.49 5.54 16.62
C ASN B 110 11.42 6.34 17.32
N SER B 111 10.67 7.15 16.58
CA SER B 111 9.68 8.01 17.17
C SER B 111 8.65 8.38 16.09
N THR B 112 7.90 9.44 16.32
CA THR B 112 7.02 10.02 15.30
C THR B 112 7.39 11.48 15.09
N PHE B 113 6.72 12.13 14.15
CA PHE B 113 6.97 13.54 13.87
C PHE B 113 6.19 14.48 14.81
N ALA B 114 5.29 13.95 15.62
CA ALA B 114 4.49 14.78 16.50
C ALA B 114 5.27 15.34 17.66
N PRO C 1 -12.74 3.31 -8.76
CA PRO C 1 -12.23 2.65 -7.57
C PRO C 1 -10.87 2.00 -7.80
N MET C 2 -10.18 1.67 -6.72
CA MET C 2 -8.92 0.96 -6.79
C MET C 2 -9.02 -0.24 -5.85
N PHE C 3 -8.77 -1.42 -6.38
CA PHE C 3 -8.74 -2.62 -5.56
C PHE C 3 -7.38 -3.30 -5.69
N ILE C 4 -6.78 -3.59 -4.55
CA ILE C 4 -5.52 -4.30 -4.48
C ILE C 4 -5.66 -5.55 -3.64
N VAL C 5 -5.13 -6.66 -4.13
CA VAL C 5 -5.01 -7.87 -3.34
C VAL C 5 -3.59 -8.39 -3.36
N ASN C 6 -3.02 -8.56 -2.17
CA ASN C 6 -1.71 -9.17 -1.99
C ASN C 6 -1.95 -10.53 -1.34
N THR C 7 -1.28 -11.54 -1.86
CA THR C 7 -1.46 -12.90 -1.37
C THR C 7 -0.19 -13.71 -1.49
N ASN C 8 -0.09 -14.73 -0.63
CA ASN C 8 0.98 -15.71 -0.71
C ASN C 8 0.69 -16.87 -1.67
N VAL C 9 -0.50 -16.91 -2.25
CA VAL C 9 -0.80 -17.89 -3.27
C VAL C 9 0.13 -17.65 -4.49
N PRO C 10 0.70 -18.74 -5.05
CA PRO C 10 1.63 -18.59 -6.20
C PRO C 10 0.97 -18.05 -7.48
N ARG C 11 1.73 -17.39 -8.33
CA ARG C 11 1.20 -16.75 -9.54
C ARG C 11 0.46 -17.75 -10.43
N ALA C 12 0.97 -18.98 -10.49
CA ALA C 12 0.39 -20.02 -11.35
C ALA C 12 -1.02 -20.38 -10.92
N SER C 13 -1.34 -20.15 -9.63
CA SER C 13 -2.67 -20.42 -9.10
C SER C 13 -3.68 -19.28 -9.32
N VAL C 14 -3.24 -18.17 -9.91
CA VAL C 14 -4.12 -17.04 -10.22
C VAL C 14 -4.71 -17.26 -11.61
N PRO C 15 -6.02 -17.54 -11.69
CA PRO C 15 -6.57 -17.87 -13.02
C PRO C 15 -6.47 -16.73 -14.03
N ASP C 16 -6.29 -17.08 -15.29
CA ASP C 16 -6.46 -16.13 -16.36
C ASP C 16 -7.91 -15.68 -16.27
N GLY C 17 -8.14 -14.38 -16.35
CA GLY C 17 -9.47 -13.82 -16.23
C GLY C 17 -9.74 -13.22 -14.85
N PHE C 18 -8.83 -13.43 -13.90
CA PHE C 18 -9.07 -13.01 -12.53
C PHE C 18 -9.16 -11.49 -12.41
N LEU C 19 -8.27 -10.76 -13.06
CA LEU C 19 -8.33 -9.30 -13.02
C LEU C 19 -9.64 -8.79 -13.62
N SER C 20 -10.05 -9.36 -14.74
CA SER C 20 -11.35 -9.05 -15.35
C SER C 20 -12.53 -9.35 -14.41
N GLU C 21 -12.47 -10.50 -13.74
CA GLU C 21 -13.56 -10.90 -12.83
C GLU C 21 -13.70 -9.89 -11.69
N LEU C 22 -12.56 -9.51 -11.10
CA LEU C 22 -12.56 -8.51 -10.04
C LEU C 22 -13.15 -7.18 -10.52
N THR C 23 -12.70 -6.70 -11.68
CA THR C 23 -13.16 -5.44 -12.26
C THR C 23 -14.70 -5.45 -12.36
N GLN C 24 -15.27 -6.48 -12.97
N GLN C 24 -15.18 -6.54 -12.99
CA GLN C 24 -16.71 -6.43 -13.22
CA GLN C 24 -16.57 -6.83 -13.28
C GLN C 24 -17.55 -6.80 -11.98
C GLN C 24 -17.43 -6.81 -12.02
N GLN C 25 -17.06 -7.68 -11.09
CA GLN C 25 -17.79 -7.91 -9.83
C GLN C 25 -17.81 -6.64 -8.96
N LEU C 26 -16.71 -5.88 -8.95
CA LEU C 26 -16.69 -4.63 -8.21
C LEU C 26 -17.55 -3.56 -8.87
N ALA C 27 -17.56 -3.51 -10.21
CA ALA C 27 -18.41 -2.57 -10.95
C ALA C 27 -19.85 -2.73 -10.52
N GLN C 28 -20.31 -3.97 -10.44
CA GLN C 28 -21.68 -4.18 -10.09
C GLN C 28 -21.99 -4.01 -8.62
N ALA C 29 -21.08 -4.44 -7.75
CA ALA C 29 -21.27 -4.25 -6.32
C ALA C 29 -21.34 -2.77 -5.95
N THR C 30 -20.40 -1.99 -6.49
CA THR C 30 -20.31 -0.59 -6.16
C THR C 30 -21.21 0.31 -6.99
N GLY C 31 -21.66 -0.17 -8.15
CA GLY C 31 -22.37 0.68 -9.11
C GLY C 31 -21.50 1.69 -9.82
N LYS C 32 -20.17 1.53 -9.75
CA LYS C 32 -19.24 2.41 -10.41
C LYS C 32 -18.93 1.90 -11.83
N PRO C 33 -18.66 2.79 -12.77
CA PRO C 33 -18.44 2.34 -14.16
C PRO C 33 -17.17 1.53 -14.30
N PRO C 34 -17.24 0.37 -14.97
CA PRO C 34 -16.06 -0.52 -14.94
C PRO C 34 -14.83 0.10 -15.61
N GLN C 35 -15.03 1.03 -16.54
CA GLN C 35 -13.87 1.64 -17.18
C GLN C 35 -13.00 2.46 -16.21
N TYR C 36 -13.57 2.80 -15.05
CA TYR C 36 -12.86 3.54 -13.99
C TYR C 36 -12.37 2.67 -12.84
N ILE C 37 -12.57 1.36 -12.94
CA ILE C 37 -12.12 0.46 -11.87
C ILE C 37 -10.72 -0.05 -12.20
N ALA C 38 -9.80 0.12 -11.26
CA ALA C 38 -8.43 -0.36 -11.40
C ALA C 38 -8.28 -1.50 -10.40
N VAL C 39 -7.63 -2.58 -10.82
N VAL C 39 -7.63 -2.57 -10.82
CA VAL C 39 -7.42 -3.76 -9.97
CA VAL C 39 -7.44 -3.77 -10.00
C VAL C 39 -5.98 -4.24 -10.09
C VAL C 39 -5.98 -4.19 -10.08
N HIS C 40 -5.45 -4.73 -8.99
CA HIS C 40 -4.03 -5.04 -8.89
C HIS C 40 -3.93 -6.28 -8.02
N VAL C 41 -3.34 -7.34 -8.56
CA VAL C 41 -3.18 -8.61 -7.87
C VAL C 41 -1.69 -8.88 -7.70
N VAL C 42 -1.27 -9.19 -6.47
CA VAL C 42 0.13 -9.40 -6.19
C VAL C 42 0.34 -10.77 -5.51
N PRO C 43 0.74 -11.77 -6.31
CA PRO C 43 0.95 -13.12 -5.81
C PRO C 43 2.36 -13.35 -5.24
N ASP C 44 2.61 -14.57 -4.75
CA ASP C 44 3.94 -15.02 -4.30
C ASP C 44 4.52 -14.19 -3.17
N GLN C 45 3.64 -13.56 -2.37
CA GLN C 45 4.09 -12.67 -1.33
C GLN C 45 4.51 -13.39 -0.06
N LEU C 46 5.51 -12.82 0.60
N LEU C 46 5.49 -12.81 0.61
CA LEU C 46 5.92 -13.25 1.92
CA LEU C 46 5.94 -13.27 1.92
C LEU C 46 4.99 -12.63 2.95
C LEU C 46 5.03 -12.64 2.98
N MET C 47 4.02 -13.40 3.41
CA MET C 47 3.07 -12.92 4.41
C MET C 47 2.59 -14.02 5.34
N ALA C 48 2.02 -13.59 6.45
CA ALA C 48 1.47 -14.50 7.44
C ALA C 48 0.20 -13.88 7.98
N PHE C 49 -0.72 -14.73 8.45
CA PHE C 49 -1.94 -14.28 9.07
C PHE C 49 -2.02 -15.10 10.35
N GLY C 50 -1.99 -14.44 11.50
CA GLY C 50 -1.88 -15.15 12.76
C GLY C 50 -0.58 -15.90 12.94
N GLY C 51 0.48 -15.49 12.24
CA GLY C 51 1.76 -16.18 12.32
C GLY C 51 1.87 -17.44 11.49
N SER C 52 0.79 -17.80 10.79
CA SER C 52 0.73 -18.99 9.92
C SER C 52 0.93 -18.56 8.48
N SER C 53 1.60 -19.39 7.68
CA SER C 53 1.82 -19.06 6.27
C SER C 53 0.89 -19.84 5.32
N GLU C 54 -0.21 -20.38 5.84
CA GLU C 54 -1.25 -20.94 4.98
C GLU C 54 -1.83 -19.82 4.11
N PRO C 55 -2.52 -20.18 3.01
CA PRO C 55 -3.01 -19.16 2.10
C PRO C 55 -3.81 -18.06 2.81
N CYS C 56 -3.51 -16.82 2.44
CA CYS C 56 -4.16 -15.66 3.02
C CYS C 56 -4.12 -14.52 2.01
N ALA C 57 -4.88 -13.46 2.29
CA ALA C 57 -4.94 -12.30 1.41
C ALA C 57 -5.15 -11.04 2.22
N LEU C 58 -4.44 -9.99 1.81
CA LEU C 58 -4.55 -8.66 2.38
C LEU C 58 -4.91 -7.72 1.27
N CYS C 59 -6.05 -7.07 1.42
CA CYS C 59 -6.64 -6.28 0.36
C CYS C 59 -7.00 -4.88 0.78
N SER C 60 -7.19 -4.03 -0.21
CA SER C 60 -7.77 -2.69 0.03
C SER C 60 -8.73 -2.30 -1.10
N LEU C 61 -9.76 -1.54 -0.74
CA LEU C 61 -10.64 -0.92 -1.71
C LEU C 61 -10.75 0.56 -1.39
N HIS C 62 -10.36 1.40 -2.34
CA HIS C 62 -10.50 2.83 -2.26
C HIS C 62 -11.61 3.25 -3.22
N SER C 63 -12.50 4.12 -2.76
CA SER C 63 -13.59 4.63 -3.62
C SER C 63 -14.05 6.00 -3.10
N ILE C 64 -14.50 6.84 -4.03
CA ILE C 64 -15.18 8.09 -3.71
C ILE C 64 -16.66 7.72 -3.55
N GLY C 65 -17.09 7.59 -2.30
CA GLY C 65 -18.43 7.10 -2.03
C GLY C 65 -18.57 5.63 -2.25
N LYS C 66 -19.80 5.15 -2.12
CA LYS C 66 -20.15 3.75 -2.15
C LYS C 66 -19.43 2.94 -1.06
N ILE C 67 -19.05 3.62 0.02
CA ILE C 67 -18.39 2.99 1.17
C ILE C 67 -19.24 3.24 2.41
N GLY C 68 -19.55 2.17 3.14
CA GLY C 68 -20.32 2.33 4.38
C GLY C 68 -20.57 1.00 5.07
N GLY C 69 -21.33 1.05 6.17
CA GLY C 69 -21.53 -0.14 7.00
C GLY C 69 -22.02 -1.37 6.26
N ALA C 70 -23.24 -1.29 5.72
CA ALA C 70 -23.85 -2.40 4.95
C ALA C 70 -23.10 -2.69 3.66
N GLN C 71 -22.71 -1.64 2.93
CA GLN C 71 -21.99 -1.86 1.66
C GLN C 71 -20.70 -2.64 1.89
N ASN C 72 -19.92 -2.25 2.89
CA ASN C 72 -18.65 -2.90 3.18
C ASN C 72 -18.84 -4.35 3.63
N ARG C 73 -19.90 -4.65 4.38
CA ARG C 73 -20.24 -6.03 4.70
C ARG C 73 -20.51 -6.79 3.42
N SER C 74 -21.26 -6.18 2.50
CA SER C 74 -21.57 -6.81 1.20
CA SER C 74 -21.57 -6.83 1.23
C SER C 74 -20.32 -7.05 0.36
N TYR C 75 -19.46 -6.04 0.31
CA TYR C 75 -18.17 -6.18 -0.41
C TYR C 75 -17.30 -7.26 0.19
N SER C 76 -17.31 -7.38 1.51
CA SER C 76 -16.49 -8.39 2.15
C SER C 76 -16.96 -9.80 1.81
N LYS C 77 -18.27 -10.01 1.83
CA LYS C 77 -18.84 -11.31 1.46
C LYS C 77 -18.46 -11.65 0.03
N LEU C 78 -18.63 -10.66 -0.84
CA LEU C 78 -18.35 -10.82 -2.26
C LEU C 78 -16.90 -11.19 -2.49
N LEU C 79 -16.00 -10.39 -1.93
CA LEU C 79 -14.56 -10.59 -2.15
C LEU C 79 -14.04 -11.86 -1.51
N CYS C 80 -14.46 -12.16 -0.27
CA CYS C 80 -14.05 -13.42 0.33
C CYS C 80 -14.57 -14.60 -0.52
N GLY C 81 -15.81 -14.51 -1.00
CA GLY C 81 -16.38 -15.56 -1.85
C GLY C 81 -15.53 -15.81 -3.09
N LEU C 82 -15.14 -14.72 -3.75
CA LEU C 82 -14.28 -14.80 -4.94
C LEU C 82 -12.90 -15.35 -4.66
N LEU C 83 -12.30 -14.91 -3.56
CA LEU C 83 -10.99 -15.41 -3.16
C LEU C 83 -11.02 -16.89 -2.77
N ALA C 84 -12.12 -17.32 -2.17
CA ALA C 84 -12.29 -18.70 -1.80
C ALA C 84 -12.42 -19.55 -3.06
N GLU C 85 -13.29 -19.10 -3.96
CA GLU C 85 -13.57 -19.85 -5.20
C GLU C 85 -12.36 -19.95 -6.10
N ARG C 86 -11.70 -18.82 -6.36
CA ARG C 86 -10.61 -18.79 -7.35
C ARG C 86 -9.24 -19.11 -6.79
N LEU C 87 -8.96 -18.68 -5.56
CA LEU C 87 -7.62 -18.84 -5.00
C LEU C 87 -7.55 -19.84 -3.84
N ARG C 88 -8.70 -20.39 -3.44
CA ARG C 88 -8.82 -21.37 -2.38
C ARG C 88 -8.28 -20.79 -1.07
N ILE C 89 -8.59 -19.53 -0.82
CA ILE C 89 -8.21 -18.86 0.41
C ILE C 89 -9.42 -18.85 1.33
N SER C 90 -9.22 -19.29 2.57
CA SER C 90 -10.29 -19.30 3.54
C SER C 90 -10.68 -17.88 3.95
N PRO C 91 -12.00 -17.60 4.07
CA PRO C 91 -12.47 -16.24 4.40
C PRO C 91 -11.92 -15.69 5.71
N ASP C 92 -11.60 -16.56 6.67
CA ASP C 92 -11.03 -16.09 7.95
C ASP C 92 -9.56 -15.69 7.84
N ARG C 93 -8.96 -15.82 6.66
CA ARG C 93 -7.59 -15.38 6.46
C ARG C 93 -7.54 -14.30 5.37
N VAL C 94 -8.62 -13.54 5.26
CA VAL C 94 -8.70 -12.39 4.36
C VAL C 94 -8.99 -11.15 5.19
N TYR C 95 -8.21 -10.09 4.93
CA TYR C 95 -8.48 -8.77 5.47
C TYR C 95 -8.65 -7.78 4.32
N ILE C 96 -9.60 -6.87 4.46
CA ILE C 96 -9.85 -5.84 3.46
C ILE C 96 -9.94 -4.47 4.13
N ASN C 97 -9.04 -3.55 3.78
CA ASN C 97 -9.14 -2.17 4.25
C ASN C 97 -10.01 -1.40 3.27
N TYR C 98 -11.06 -0.75 3.78
CA TYR C 98 -11.93 0.12 2.98
C TYR C 98 -11.61 1.58 3.24
N TYR C 99 -11.54 2.37 2.18
CA TYR C 99 -11.30 3.81 2.30
C TYR C 99 -12.33 4.61 1.50
N ASP C 100 -13.07 5.48 2.17
CA ASP C 100 -13.96 6.42 1.52
C ASP C 100 -13.14 7.68 1.26
N MET C 101 -12.68 7.86 0.02
CA MET C 101 -11.76 8.95 -0.31
C MET C 101 -12.50 10.19 -0.73
N ASN C 102 -11.98 11.33 -0.30
CA ASN C 102 -12.49 12.60 -0.74
C ASN C 102 -12.08 12.76 -2.20
N ALA C 103 -12.99 13.26 -3.05
CA ALA C 103 -12.65 13.48 -4.47
C ALA C 103 -11.42 14.37 -4.68
N ALA C 104 -11.18 15.32 -3.78
CA ALA C 104 -10.00 16.21 -3.88
C ALA C 104 -8.67 15.46 -3.64
N ASN C 105 -8.76 14.28 -3.04
CA ASN C 105 -7.58 13.48 -2.72
C ASN C 105 -7.40 12.27 -3.65
N VAL C 106 -8.09 12.27 -4.80
CA VAL C 106 -7.88 11.23 -5.80
C VAL C 106 -7.49 11.89 -7.11
N GLY C 107 -6.23 11.67 -7.49
CA GLY C 107 -5.69 12.17 -8.74
C GLY C 107 -5.99 11.23 -9.90
N TRP C 108 -6.30 11.82 -11.04
CA TRP C 108 -6.55 11.08 -12.27
C TRP C 108 -6.41 12.04 -13.44
N ASN C 109 -5.73 11.60 -14.49
CA ASN C 109 -5.78 12.31 -15.77
C ASN C 109 -5.47 13.80 -15.66
N ASN C 110 -4.30 14.07 -15.09
CA ASN C 110 -3.77 15.44 -14.92
C ASN C 110 -4.46 16.34 -13.90
N SER C 111 -5.46 15.83 -13.18
CA SER C 111 -6.21 16.62 -12.22
C SER C 111 -6.70 15.72 -11.09
N THR C 112 -7.76 16.15 -10.39
CA THR C 112 -8.41 15.31 -9.41
C THR C 112 -9.89 15.27 -9.75
N PHE C 113 -10.63 14.50 -8.97
CA PHE C 113 -12.08 14.38 -9.16
C PHE C 113 -12.91 15.47 -8.49
N ALA C 114 -12.28 16.34 -7.72
CA ALA C 114 -13.02 17.37 -6.95
C ALA C 114 -13.75 18.35 -7.85
#